data_4L7B
#
_entry.id   4L7B
#
_cell.length_a   75.760
_cell.length_b   75.850
_cell.length_c   205.370
_cell.angle_alpha   90.00
_cell.angle_beta   90.00
_cell.angle_gamma   90.00
#
_symmetry.space_group_name_H-M   'P 21 21 21'
#
loop_
_entity.id
_entity.type
_entity.pdbx_description
1 polymer 'Kelch-like ECH-associated protein 1'
2 non-polymer 'ACETATE ION'
3 non-polymer '(1S,2R)-2-{[(1S)-1-[(1,3-dioxo-1,3-dihydro-2H-isoindol-2-yl)methyl]-3,4-dihydroisoquinolin-2(1H)-yl]carbonyl}cyclohexanecarboxylic acid'
4 non-polymer 'SODIUM ION'
5 water water
#
_entity_poly.entity_id   1
_entity_poly.type   'polypeptide(L)'
_entity_poly.pdbx_seq_one_letter_code
;MGHAPKVGRLIYTAGGYFRQSLSYLEAYNPSDGTWLDLADLQVPRSGLAGCVVGGLLYAVGGRNNSPDGNTDSSALDCYN
PMTNQWSPCAPMSVPRNRIGVGVIDGHIYAVGGSHGCIHHNSVERYEPERDEWHLVAPMLTRRIGVGVAVLNRLLYAVGG
FDGTNRLNSAECYYPERNEWRMITAMNTIRSGAGVCVLHNCIYAAGGYDGQDQLNSVERYDVETETWTFVAPMKHRRSAL
GITVHQGRIYVLGGYDGHTFLDSVECYDPDTDTWSEVTRMTSGRSGVGVAVTLEHHHHHH
;
_entity_poly.pdbx_strand_id   A,B
#
loop_
_chem_comp.id
_chem_comp.type
_chem_comp.name
_chem_comp.formula
1VV non-polymer '(1S,2R)-2-{[(1S)-1-[(1,3-dioxo-1,3-dihydro-2H-isoindol-2-yl)methyl]-3,4-dihydroisoquinolin-2(1H)-yl]carbonyl}cyclohexanecarboxylic acid' 'C26 H26 N2 O5'
ACT non-polymer 'ACETATE ION' 'C2 H3 O2 -1'
NA non-polymer 'SODIUM ION' 'Na 1'
#
# COMPACT_ATOMS: atom_id res chain seq x y z
N PRO A 5 -43.87 -7.61 -8.27
CA PRO A 5 -42.71 -7.90 -7.42
C PRO A 5 -41.87 -9.03 -8.00
N LYS A 6 -40.64 -8.70 -8.43
CA LYS A 6 -39.76 -9.67 -9.06
C LYS A 6 -39.18 -10.63 -8.02
N VAL A 7 -39.13 -11.91 -8.39
CA VAL A 7 -38.60 -12.96 -7.52
C VAL A 7 -37.45 -13.69 -8.23
N GLY A 8 -36.52 -14.22 -7.44
CA GLY A 8 -35.33 -14.89 -7.98
C GLY A 8 -34.20 -13.92 -8.27
N ARG A 9 -34.15 -12.81 -7.52
CA ARG A 9 -33.08 -11.83 -7.65
C ARG A 9 -31.83 -12.34 -6.96
N LEU A 10 -30.66 -11.98 -7.51
CA LEU A 10 -29.39 -12.51 -7.03
C LEU A 10 -28.43 -11.38 -6.64
N ILE A 11 -27.80 -11.52 -5.46
CA ILE A 11 -26.75 -10.62 -5.02
C ILE A 11 -25.42 -11.15 -5.54
N TYR A 12 -24.84 -10.47 -6.52
CA TYR A 12 -23.56 -10.86 -7.10
C TYR A 12 -22.39 -10.33 -6.27
N THR A 13 -21.29 -11.09 -6.25
CA THR A 13 -20.03 -10.64 -5.68
C THR A 13 -18.89 -10.98 -6.64
N ALA A 14 -18.24 -9.95 -7.17
CA ALA A 14 -17.20 -10.11 -8.18
C ALA A 14 -15.85 -9.64 -7.66
N GLY A 15 -14.80 -10.39 -7.99
CA GLY A 15 -13.43 -10.02 -7.62
C GLY A 15 -13.15 -10.14 -6.13
N GLY A 16 -12.35 -9.22 -5.61
CA GLY A 16 -12.00 -9.20 -4.19
C GLY A 16 -10.53 -9.48 -3.95
N TYR A 17 -10.13 -9.46 -2.69
CA TYR A 17 -8.74 -9.68 -2.30
C TYR A 17 -8.62 -10.59 -1.08
N PHE A 18 -7.88 -11.69 -1.24
CA PHE A 18 -7.39 -12.49 -0.13
C PHE A 18 -6.00 -12.99 -0.50
N ARG A 19 -4.98 -12.40 0.14
CA ARG A 19 -3.56 -12.66 -0.19
C ARG A 19 -3.16 -12.05 -1.55
N GLN A 20 -3.93 -12.35 -2.58
CA GLN A 20 -3.81 -11.66 -3.87
C GLN A 20 -5.19 -11.32 -4.41
N SER A 21 -5.23 -10.60 -5.53
CA SER A 21 -6.50 -10.24 -6.16
C SER A 21 -7.21 -11.47 -6.70
N LEU A 22 -8.54 -11.51 -6.51
CA LEU A 22 -9.34 -12.69 -6.85
C LEU A 22 -10.12 -12.46 -8.14
N SER A 23 -10.58 -13.55 -8.74
CA SER A 23 -11.38 -13.50 -9.96
C SER A 23 -12.71 -14.26 -9.79
N TYR A 24 -13.17 -14.37 -8.55
CA TYR A 24 -14.41 -15.11 -8.27
C TYR A 24 -15.62 -14.32 -8.72
N LEU A 25 -16.61 -15.03 -9.28
CA LEU A 25 -17.95 -14.49 -9.47
C LEU A 25 -18.93 -15.46 -8.83
N GLU A 26 -19.54 -15.04 -7.74
CA GLU A 26 -20.53 -15.85 -7.03
C GLU A 26 -21.81 -15.05 -6.81
N ALA A 27 -22.94 -15.75 -6.80
CA ALA A 27 -24.24 -15.11 -6.65
C ALA A 27 -25.01 -15.74 -5.50
N TYR A 28 -25.53 -14.89 -4.62
CA TYR A 28 -26.30 -15.34 -3.46
C TYR A 28 -27.78 -15.02 -3.66
N ASN A 29 -28.63 -16.01 -3.39
CA ASN A 29 -30.08 -15.85 -3.44
C ASN A 29 -30.61 -15.67 -2.01
N PRO A 30 -31.08 -14.46 -1.66
CA PRO A 30 -31.57 -14.22 -0.30
C PRO A 30 -32.85 -14.98 0.07
N SER A 31 -33.62 -15.39 -0.93
CA SER A 31 -34.89 -16.09 -0.68
C SER A 31 -34.68 -17.50 -0.12
N ASP A 32 -33.82 -18.28 -0.78
CA ASP A 32 -33.57 -19.67 -0.37
C ASP A 32 -32.19 -19.89 0.29
N GLY A 33 -31.33 -18.87 0.25
CA GLY A 33 -30.03 -18.92 0.92
C GLY A 33 -29.01 -19.83 0.27
N THR A 34 -29.03 -19.90 -1.06
CA THR A 34 -28.08 -20.73 -1.82
C THR A 34 -27.04 -19.86 -2.52
N TRP A 35 -25.87 -20.44 -2.74
CA TRP A 35 -24.77 -19.76 -3.45
C TRP A 35 -24.53 -20.41 -4.80
N LEU A 36 -24.32 -19.58 -5.83
CA LEU A 36 -24.00 -20.05 -7.18
C LEU A 36 -22.53 -19.78 -7.48
N ASP A 37 -21.87 -20.73 -8.14
CA ASP A 37 -20.49 -20.59 -8.58
C ASP A 37 -20.46 -20.29 -10.08
N LEU A 38 -20.42 -19.00 -10.42
CA LEU A 38 -20.52 -18.55 -11.81
C LEU A 38 -19.15 -18.40 -12.46
N ALA A 39 -19.15 -18.02 -13.74
CA ALA A 39 -17.91 -17.90 -14.52
C ALA A 39 -16.97 -16.84 -13.96
N ASP A 40 -15.70 -17.20 -13.80
CA ASP A 40 -14.69 -16.31 -13.22
C ASP A 40 -14.36 -15.14 -14.14
N LEU A 41 -13.89 -14.05 -13.52
CA LEU A 41 -13.38 -12.90 -14.27
C LEU A 41 -12.15 -13.32 -15.08
N GLN A 42 -12.01 -12.74 -16.28
CA GLN A 42 -10.87 -13.07 -17.13
CA GLN A 42 -10.87 -13.01 -17.15
C GLN A 42 -9.56 -12.57 -16.51
N VAL A 43 -9.63 -11.44 -15.81
CA VAL A 43 -8.46 -10.89 -15.11
C VAL A 43 -8.85 -10.63 -13.65
N PRO A 44 -8.07 -11.15 -12.69
CA PRO A 44 -8.40 -10.95 -11.28
C PRO A 44 -8.19 -9.50 -10.84
N ARG A 45 -9.03 -9.03 -9.92
CA ARG A 45 -8.92 -7.65 -9.44
C ARG A 45 -9.67 -7.39 -8.13
N SER A 46 -9.19 -6.39 -7.40
CA SER A 46 -9.80 -5.93 -6.15
C SER A 46 -9.97 -4.41 -6.20
N GLY A 47 -10.75 -3.88 -5.26
CA GLY A 47 -11.04 -2.45 -5.22
C GLY A 47 -11.90 -1.99 -6.40
N LEU A 48 -12.66 -2.92 -6.97
CA LEU A 48 -13.54 -2.64 -8.09
C LEU A 48 -14.95 -2.34 -7.60
N ALA A 49 -15.83 -1.98 -8.52
CA ALA A 49 -17.23 -1.72 -8.20
C ALA A 49 -18.15 -2.42 -9.20
N GLY A 50 -19.24 -2.98 -8.70
CA GLY A 50 -20.20 -3.70 -9.52
C GLY A 50 -21.52 -2.97 -9.64
N CYS A 51 -22.17 -3.13 -10.79
CA CYS A 51 -23.50 -2.54 -11.03
C CYS A 51 -24.23 -3.30 -12.12
N VAL A 52 -25.56 -3.28 -12.05
CA VAL A 52 -26.41 -3.97 -13.03
C VAL A 52 -27.20 -2.96 -13.85
N VAL A 53 -27.09 -3.07 -15.18
CA VAL A 53 -27.82 -2.22 -16.10
C VAL A 53 -28.49 -3.07 -17.18
N GLY A 54 -29.82 -3.15 -17.15
CA GLY A 54 -30.58 -3.88 -18.16
C GLY A 54 -30.29 -5.37 -18.24
N GLY A 55 -30.21 -6.01 -17.07
CA GLY A 55 -30.00 -7.45 -16.99
C GLY A 55 -28.57 -7.91 -17.20
N LEU A 56 -27.61 -6.97 -17.18
CA LEU A 56 -26.19 -7.28 -17.37
C LEU A 56 -25.36 -6.71 -16.24
N LEU A 57 -24.58 -7.57 -15.58
CA LEU A 57 -23.69 -7.15 -14.50
C LEU A 57 -22.40 -6.58 -15.09
N TYR A 58 -21.94 -5.46 -14.52
CA TYR A 58 -20.72 -4.80 -14.98
C TYR A 58 -19.67 -4.77 -13.86
N ALA A 59 -18.41 -4.98 -14.24
CA ALA A 59 -17.27 -4.90 -13.31
C ALA A 59 -16.36 -3.77 -13.75
N VAL A 60 -16.29 -2.71 -12.93
CA VAL A 60 -15.62 -1.47 -13.32
C VAL A 60 -14.35 -1.23 -12.49
N GLY A 61 -13.25 -0.92 -13.17
CA GLY A 61 -12.00 -0.52 -12.53
C GLY A 61 -11.38 -1.61 -11.68
N GLY A 62 -10.63 -1.20 -10.66
CA GLY A 62 -9.99 -2.13 -9.73
C GLY A 62 -8.47 -2.15 -9.83
N ARG A 63 -7.88 -3.27 -9.45
CA ARG A 63 -6.42 -3.39 -9.35
C ARG A 63 -6.03 -4.86 -9.20
N ASN A 64 -5.24 -5.37 -10.14
CA ASN A 64 -4.72 -6.74 -10.06
C ASN A 64 -3.50 -6.77 -9.15
N ASN A 65 -3.76 -6.95 -7.85
CA ASN A 65 -2.71 -7.01 -6.84
C ASN A 65 -2.22 -8.45 -6.66
N SER A 66 -0.98 -8.71 -7.05
CA SER A 66 -0.38 -10.04 -6.96
C SER A 66 1.08 -9.95 -6.53
N PRO A 67 1.70 -11.09 -6.14
CA PRO A 67 3.13 -11.08 -5.82
C PRO A 67 4.01 -10.84 -7.04
N ASP A 68 3.51 -11.15 -8.23
CA ASP A 68 4.25 -10.94 -9.48
C ASP A 68 4.31 -9.45 -9.86
N GLY A 69 3.28 -8.69 -9.48
CA GLY A 69 3.22 -7.26 -9.78
C GLY A 69 1.86 -6.66 -9.49
N ASN A 70 1.81 -5.33 -9.47
CA ASN A 70 0.57 -4.59 -9.23
C ASN A 70 0.23 -3.71 -10.43
N THR A 71 -1.02 -3.83 -10.91
CA THR A 71 -1.48 -3.07 -12.06
C THR A 71 -2.91 -2.57 -11.85
N ASP A 72 -3.10 -1.25 -11.91
CA ASP A 72 -4.42 -0.65 -11.80
C ASP A 72 -5.20 -0.88 -13.09
N SER A 73 -6.51 -1.12 -12.94
CA SER A 73 -7.36 -1.47 -14.07
C SER A 73 -8.22 -0.30 -14.54
N SER A 74 -8.29 -0.12 -15.86
CA SER A 74 -9.20 0.84 -16.49
C SER A 74 -10.29 0.08 -17.25
N ALA A 75 -10.47 -1.20 -16.92
CA ALA A 75 -11.31 -2.10 -17.71
C ALA A 75 -12.76 -2.09 -17.28
N LEU A 76 -13.65 -2.21 -18.28
CA LEU A 76 -15.07 -2.45 -18.04
C LEU A 76 -15.43 -3.79 -18.68
N ASP A 77 -15.84 -4.75 -17.85
CA ASP A 77 -16.23 -6.08 -18.33
C ASP A 77 -17.70 -6.32 -18.01
N CYS A 78 -18.40 -6.95 -18.94
CA CYS A 78 -19.85 -7.15 -18.85
C CYS A 78 -20.20 -8.63 -18.75
N TYR A 79 -20.88 -9.02 -17.67
CA TYR A 79 -21.31 -10.40 -17.46
C TYR A 79 -22.77 -10.58 -17.88
N ASN A 80 -23.02 -11.60 -18.68
CA ASN A 80 -24.37 -11.97 -19.12
C ASN A 80 -24.81 -13.23 -18.37
N PRO A 81 -25.84 -13.13 -17.52
CA PRO A 81 -26.32 -14.31 -16.77
C PRO A 81 -26.89 -15.43 -17.65
N MET A 82 -27.40 -15.09 -18.83
CA MET A 82 -28.00 -16.07 -19.74
C MET A 82 -26.94 -16.98 -20.38
N THR A 83 -25.78 -16.40 -20.69
CA THR A 83 -24.68 -17.16 -21.31
C THR A 83 -23.58 -17.54 -20.33
N ASN A 84 -23.61 -16.98 -19.12
CA ASN A 84 -22.57 -17.21 -18.11
C ASN A 84 -21.18 -16.86 -18.64
N GLN A 85 -21.08 -15.69 -19.27
CA GLN A 85 -19.84 -15.27 -19.94
C GLN A 85 -19.53 -13.80 -19.67
N TRP A 86 -18.25 -13.51 -19.47
CA TRP A 86 -17.76 -12.12 -19.36
C TRP A 86 -17.35 -11.63 -20.74
N SER A 87 -17.69 -10.39 -21.06
CA SER A 87 -17.31 -9.77 -22.33
C SER A 87 -16.68 -8.40 -22.07
N PRO A 88 -15.54 -8.10 -22.71
CA PRO A 88 -14.89 -6.80 -22.50
C PRO A 88 -15.60 -5.66 -23.23
N CYS A 89 -15.79 -4.54 -22.54
CA CYS A 89 -16.37 -3.34 -23.10
C CYS A 89 -15.27 -2.30 -23.33
N ALA A 90 -15.66 -1.11 -23.76
CA ALA A 90 -14.71 -0.01 -23.94
C ALA A 90 -14.12 0.39 -22.59
N PRO A 91 -12.78 0.52 -22.51
CA PRO A 91 -12.15 0.86 -21.24
C PRO A 91 -12.31 2.33 -20.87
N MET A 92 -12.14 2.64 -19.60
CA MET A 92 -12.20 4.02 -19.11
C MET A 92 -10.99 4.81 -19.59
N SER A 93 -11.09 6.14 -19.54
CA SER A 93 -10.02 7.03 -19.96
C SER A 93 -8.76 6.87 -19.10
N VAL A 94 -8.95 6.50 -17.84
CA VAL A 94 -7.84 6.35 -16.89
C VAL A 94 -8.14 5.19 -15.93
N PRO A 95 -7.09 4.48 -15.46
CA PRO A 95 -7.30 3.44 -14.45
C PRO A 95 -7.86 4.00 -13.14
N ARG A 96 -8.73 3.22 -12.49
CA ARG A 96 -9.41 3.64 -11.27
C ARG A 96 -9.49 2.51 -10.25
N ASN A 97 -8.50 2.44 -9.35
CA ASN A 97 -8.53 1.52 -8.21
C ASN A 97 -9.26 2.17 -7.04
N ARG A 98 -10.00 1.36 -6.29
CA ARG A 98 -10.87 1.84 -5.21
C ARG A 98 -11.91 2.82 -5.76
N ILE A 99 -12.62 2.36 -6.79
CA ILE A 99 -13.58 3.16 -7.53
C ILE A 99 -14.97 3.10 -6.88
N GLY A 100 -15.76 4.15 -7.10
CA GLY A 100 -17.17 4.16 -6.73
C GLY A 100 -18.03 4.33 -7.98
N VAL A 101 -19.14 3.61 -8.06
CA VAL A 101 -20.01 3.67 -9.22
C VAL A 101 -21.49 3.79 -8.86
N GLY A 102 -22.26 4.42 -9.74
CA GLY A 102 -23.70 4.55 -9.60
C GLY A 102 -24.38 4.65 -10.96
N VAL A 103 -25.60 4.13 -11.05
CA VAL A 103 -26.34 4.11 -12.30
C VAL A 103 -27.47 5.13 -12.30
N ILE A 104 -27.49 6.02 -13.29
CA ILE A 104 -28.59 6.96 -13.50
C ILE A 104 -29.01 6.92 -14.97
N ASP A 105 -30.28 6.59 -15.20
CA ASP A 105 -30.88 6.57 -16.54
C ASP A 105 -30.13 5.64 -17.50
N GLY A 106 -29.75 4.47 -17.00
CA GLY A 106 -29.06 3.46 -17.80
C GLY A 106 -27.60 3.74 -18.11
N HIS A 107 -27.02 4.77 -17.48
CA HIS A 107 -25.62 5.12 -17.68
C HIS A 107 -24.82 4.84 -16.41
N ILE A 108 -23.61 4.29 -16.59
CA ILE A 108 -22.74 3.95 -15.46
C ILE A 108 -21.77 5.10 -15.22
N TYR A 109 -21.81 5.68 -14.02
CA TYR A 109 -20.88 6.74 -13.63
C TYR A 109 -19.70 6.14 -12.87
N ALA A 110 -18.50 6.40 -13.36
CA ALA A 110 -17.27 5.94 -12.70
C ALA A 110 -16.65 7.12 -11.94
N VAL A 111 -16.68 7.04 -10.61
CA VAL A 111 -16.32 8.16 -9.75
C VAL A 111 -15.00 7.93 -8.99
N GLY A 112 -14.05 8.85 -9.17
CA GLY A 112 -12.83 8.87 -8.38
C GLY A 112 -11.89 7.70 -8.66
N GLY A 113 -11.33 7.14 -7.58
CA GLY A 113 -10.38 6.05 -7.70
C GLY A 113 -8.95 6.55 -7.87
N SER A 114 -8.00 5.61 -7.95
CA SER A 114 -6.58 5.95 -8.04
C SER A 114 -5.86 5.26 -9.21
N HIS A 115 -4.83 5.92 -9.72
CA HIS A 115 -3.90 5.32 -10.68
C HIS A 115 -2.48 5.53 -10.17
N GLY A 116 -2.02 4.59 -9.33
CA GLY A 116 -0.72 4.71 -8.68
C GLY A 116 -0.74 5.79 -7.61
N CYS A 117 0.03 6.85 -7.83
CA CYS A 117 0.04 7.99 -6.92
C CYS A 117 -1.20 8.85 -7.10
N ILE A 118 -1.72 8.88 -8.33
CA ILE A 118 -2.74 9.86 -8.73
C ILE A 118 -4.09 9.52 -8.11
N HIS A 119 -4.63 10.46 -7.33
CA HIS A 119 -5.96 10.33 -6.75
C HIS A 119 -6.93 11.17 -7.58
N HIS A 120 -7.89 10.52 -8.21
CA HIS A 120 -8.78 11.19 -9.15
C HIS A 120 -9.91 11.95 -8.46
N ASN A 121 -10.17 13.16 -8.96
CA ASN A 121 -11.45 13.85 -8.71
C ASN A 121 -12.34 13.79 -9.96
N SER A 122 -11.79 13.27 -11.06
CA SER A 122 -12.50 13.19 -12.32
C SER A 122 -13.60 12.13 -12.30
N VAL A 123 -14.63 12.34 -13.10
CA VAL A 123 -15.76 11.42 -13.20
C VAL A 123 -16.12 11.24 -14.68
N GLU A 124 -16.40 10.00 -15.07
CA GLU A 124 -16.78 9.70 -16.45
C GLU A 124 -18.00 8.79 -16.52
N ARG A 125 -18.72 8.87 -17.62
CA ARG A 125 -20.03 8.24 -17.78
C ARG A 125 -20.04 7.29 -18.98
N TYR A 126 -20.54 6.08 -18.76
CA TYR A 126 -20.58 5.05 -19.80
C TYR A 126 -21.98 4.91 -20.38
N GLU A 127 -22.06 4.82 -21.71
CA GLU A 127 -23.32 4.56 -22.41
C GLU A 127 -23.27 3.14 -23.00
N PRO A 128 -24.03 2.19 -22.40
CA PRO A 128 -24.02 0.80 -22.87
C PRO A 128 -24.46 0.60 -24.33
N GLU A 129 -25.40 1.42 -24.80
CA GLU A 129 -25.90 1.31 -26.18
C GLU A 129 -24.85 1.70 -27.22
N ARG A 130 -23.99 2.65 -26.87
CA ARG A 130 -22.95 3.15 -27.78
C ARG A 130 -21.55 2.59 -27.47
N ASP A 131 -21.37 2.03 -26.27
CA ASP A 131 -20.07 1.52 -25.82
C ASP A 131 -19.02 2.64 -25.83
N GLU A 132 -19.34 3.74 -25.13
CA GLU A 132 -18.48 4.92 -25.08
C GLU A 132 -18.40 5.50 -23.67
N TRP A 133 -17.21 5.95 -23.29
CA TRP A 133 -17.00 6.69 -22.04
C TRP A 133 -16.84 8.17 -22.36
N HIS A 134 -17.44 9.03 -21.54
CA HIS A 134 -17.28 10.48 -21.67
C HIS A 134 -17.10 11.13 -20.31
N LEU A 135 -16.15 12.06 -20.21
CA LEU A 135 -15.89 12.78 -18.98
C LEU A 135 -16.98 13.81 -18.71
N VAL A 136 -17.51 13.81 -17.49
CA VAL A 136 -18.46 14.82 -17.04
C VAL A 136 -17.73 15.78 -16.09
N ALA A 137 -18.47 16.64 -15.39
CA ALA A 137 -17.86 17.59 -14.45
C ALA A 137 -17.15 16.85 -13.32
N PRO A 138 -15.90 17.26 -13.02
CA PRO A 138 -15.13 16.60 -11.96
C PRO A 138 -15.64 16.94 -10.56
N MET A 139 -15.36 16.07 -9.60
CA MET A 139 -15.73 16.31 -8.20
C MET A 139 -14.95 17.48 -7.62
N LEU A 140 -15.48 18.06 -6.55
CA LEU A 140 -14.83 19.16 -5.85
C LEU A 140 -13.64 18.66 -5.02
N THR A 141 -13.64 17.38 -4.67
CA THR A 141 -12.58 16.76 -3.90
C THR A 141 -12.06 15.51 -4.60
N ARG A 142 -10.76 15.28 -4.51
CA ARG A 142 -10.16 14.03 -4.97
C ARG A 142 -10.56 12.92 -3.99
N ARG A 143 -11.08 11.82 -4.51
CA ARG A 143 -11.62 10.76 -3.65
C ARG A 143 -11.26 9.36 -4.17
N ILE A 144 -10.62 8.58 -3.31
CA ILE A 144 -10.43 7.15 -3.55
C ILE A 144 -10.97 6.38 -2.34
N GLY A 145 -11.52 5.20 -2.59
CA GLY A 145 -12.23 4.43 -1.57
C GLY A 145 -13.56 5.10 -1.27
N VAL A 146 -14.14 5.72 -2.29
CA VAL A 146 -15.39 6.48 -2.16
C VAL A 146 -16.60 5.58 -2.37
N GLY A 147 -17.64 5.80 -1.57
CA GLY A 147 -18.91 5.09 -1.72
C GLY A 147 -19.89 5.95 -2.48
N VAL A 148 -20.60 5.34 -3.41
CA VAL A 148 -21.52 6.07 -4.29
C VAL A 148 -22.96 5.56 -4.12
N ALA A 149 -23.90 6.50 -4.03
CA ALA A 149 -25.32 6.20 -3.92
C ALA A 149 -26.11 7.06 -4.90
N VAL A 150 -27.23 6.53 -5.39
CA VAL A 150 -28.08 7.24 -6.34
C VAL A 150 -29.48 7.41 -5.75
N LEU A 151 -29.87 8.65 -5.48
CA LEU A 151 -31.17 8.96 -4.88
C LEU A 151 -31.80 10.17 -5.56
N ASN A 152 -33.07 10.03 -5.96
CA ASN A 152 -33.82 11.09 -6.65
C ASN A 152 -33.12 11.59 -7.91
N ARG A 153 -32.53 10.65 -8.66
CA ARG A 153 -31.79 10.95 -9.89
C ARG A 153 -30.60 11.88 -9.65
N LEU A 154 -30.03 11.82 -8.45
CA LEU A 154 -28.81 12.55 -8.09
C LEU A 154 -27.79 11.56 -7.56
N LEU A 155 -26.51 11.78 -7.91
CA LEU A 155 -25.43 10.89 -7.51
C LEU A 155 -24.65 11.51 -6.34
N TYR A 156 -24.52 10.75 -5.26
CA TYR A 156 -23.82 11.21 -4.06
C TYR A 156 -22.51 10.46 -3.87
N ALA A 157 -21.41 11.22 -3.77
CA ALA A 157 -20.10 10.66 -3.46
C ALA A 157 -19.80 10.89 -1.99
N VAL A 158 -19.58 9.81 -1.23
CA VAL A 158 -19.49 9.88 0.23
C VAL A 158 -18.13 9.38 0.74
N GLY A 159 -17.44 10.22 1.50
CA GLY A 159 -16.18 9.84 2.15
C GLY A 159 -15.04 9.61 1.18
N GLY A 160 -14.05 8.83 1.62
CA GLY A 160 -12.91 8.45 0.78
C GLY A 160 -11.58 8.94 1.31
N PHE A 161 -10.63 9.13 0.39
CA PHE A 161 -9.26 9.51 0.73
C PHE A 161 -8.69 10.38 -0.40
N ASP A 162 -8.24 11.59 -0.05
CA ASP A 162 -7.79 12.57 -1.05
C ASP A 162 -6.28 12.56 -1.31
N GLY A 163 -5.57 11.58 -0.74
CA GLY A 163 -4.11 11.49 -0.89
C GLY A 163 -3.36 11.95 0.35
N THR A 164 -4.02 12.77 1.17
CA THR A 164 -3.42 13.29 2.40
C THR A 164 -4.20 12.85 3.63
N ASN A 165 -5.52 13.08 3.60
CA ASN A 165 -6.40 12.77 4.73
C ASN A 165 -7.59 11.89 4.31
N ARG A 166 -8.05 11.03 5.20
CA ARG A 166 -9.31 10.33 5.01
C ARG A 166 -10.45 11.31 5.25
N LEU A 167 -11.53 11.18 4.47
CA LEU A 167 -12.58 12.20 4.41
C LEU A 167 -13.85 11.78 5.15
N ASN A 168 -14.47 12.75 5.83
CA ASN A 168 -15.84 12.60 6.33
C ASN A 168 -16.83 13.39 5.47
N SER A 169 -16.31 14.09 4.46
CA SER A 169 -17.13 14.97 3.61
C SER A 169 -17.91 14.18 2.58
N ALA A 170 -18.90 14.83 1.99
CA ALA A 170 -19.72 14.24 0.92
C ALA A 170 -20.22 15.33 -0.03
N GLU A 171 -20.47 14.95 -1.27
CA GLU A 171 -20.94 15.88 -2.29
C GLU A 171 -21.97 15.25 -3.22
N CYS A 172 -22.81 16.09 -3.82
CA CYS A 172 -23.93 15.64 -4.64
C CYS A 172 -23.80 16.14 -6.07
N TYR A 173 -23.95 15.23 -7.03
CA TYR A 173 -23.87 15.55 -8.46
C TYR A 173 -25.27 15.76 -9.04
N TYR A 174 -25.38 16.75 -9.92
CA TYR A 174 -26.64 17.07 -10.60
C TYR A 174 -26.45 16.83 -12.11
N PRO A 175 -26.92 15.67 -12.62
CA PRO A 175 -26.74 15.29 -14.03
C PRO A 175 -27.23 16.31 -15.06
N GLU A 176 -28.38 16.92 -14.82
CA GLU A 176 -28.97 17.87 -15.78
C GLU A 176 -28.16 19.16 -15.84
N ARG A 177 -27.72 19.65 -14.68
CA ARG A 177 -26.89 20.86 -14.59
C ARG A 177 -25.41 20.56 -14.85
N ASN A 178 -25.00 19.31 -14.60
CA ASN A 178 -23.61 18.88 -14.68
C ASN A 178 -22.72 19.69 -13.73
N GLU A 179 -22.97 19.54 -12.43
CA GLU A 179 -22.19 20.22 -11.40
C GLU A 179 -22.26 19.50 -10.05
N TRP A 180 -21.26 19.72 -9.22
CA TRP A 180 -21.20 19.12 -7.88
C TRP A 180 -21.41 20.18 -6.80
N ARG A 181 -22.04 19.76 -5.70
CA ARG A 181 -22.27 20.63 -4.55
C ARG A 181 -22.01 19.85 -3.25
N MET A 182 -21.29 20.47 -2.31
CA MET A 182 -20.99 19.84 -1.03
C MET A 182 -22.24 19.77 -0.16
N ILE A 183 -22.51 18.57 0.38
CA ILE A 183 -23.60 18.39 1.33
C ILE A 183 -23.01 18.36 2.75
N THR A 184 -23.85 18.09 3.75
CA THR A 184 -23.40 18.01 5.14
C THR A 184 -22.43 16.84 5.32
N ALA A 185 -21.32 17.10 6.01
CA ALA A 185 -20.30 16.09 6.25
C ALA A 185 -20.78 15.06 7.26
N MET A 186 -20.21 13.85 7.18
CA MET A 186 -20.57 12.76 8.09
C MET A 186 -20.07 13.01 9.50
N ASN A 187 -20.63 12.27 10.46
CA ASN A 187 -20.18 12.33 11.85
C ASN A 187 -18.82 11.65 12.03
N THR A 188 -18.53 10.68 11.16
CA THR A 188 -17.30 9.90 11.24
C THR A 188 -16.54 9.93 9.92
N ILE A 189 -15.22 9.97 10.00
CA ILE A 189 -14.36 9.88 8.82
C ILE A 189 -14.37 8.45 8.30
N ARG A 190 -14.62 8.28 7.01
CA ARG A 190 -14.78 6.96 6.41
C ARG A 190 -14.11 6.85 5.04
N SER A 191 -13.27 5.83 4.88
CA SER A 191 -12.73 5.43 3.58
C SER A 191 -13.01 3.94 3.37
N GLY A 192 -13.51 3.59 2.19
CA GLY A 192 -13.85 2.21 1.87
C GLY A 192 -15.09 1.72 2.63
N ALA A 193 -16.04 2.63 2.84
CA ALA A 193 -17.28 2.29 3.54
C ALA A 193 -18.34 1.84 2.55
N GLY A 194 -19.28 1.01 3.03
CA GLY A 194 -20.40 0.55 2.21
C GLY A 194 -21.49 1.61 2.14
N VAL A 195 -21.69 2.19 0.95
CA VAL A 195 -22.69 3.23 0.76
C VAL A 195 -23.81 2.73 -0.16
N CYS A 196 -25.06 2.94 0.27
CA CYS A 196 -26.23 2.52 -0.49
C CYS A 196 -27.46 3.36 -0.10
N VAL A 197 -28.57 3.13 -0.80
CA VAL A 197 -29.81 3.87 -0.56
C VAL A 197 -30.91 2.92 -0.05
N LEU A 198 -31.62 3.34 0.99
CA LEU A 198 -32.72 2.56 1.55
C LEU A 198 -33.78 3.46 2.16
N HIS A 199 -35.02 3.31 1.72
CA HIS A 199 -36.16 4.14 2.16
C HIS A 199 -35.82 5.63 2.15
N ASN A 200 -35.30 6.09 1.01
CA ASN A 200 -35.00 7.51 0.79
C ASN A 200 -33.92 8.08 1.73
N CYS A 201 -32.98 7.22 2.15
CA CYS A 201 -31.88 7.63 3.01
C CYS A 201 -30.57 6.99 2.55
N ILE A 202 -29.50 7.78 2.53
CA ILE A 202 -28.18 7.31 2.11
C ILE A 202 -27.41 6.77 3.31
N TYR A 203 -27.20 5.46 3.33
CA TYR A 203 -26.47 4.81 4.42
C TYR A 203 -24.97 4.81 4.17
N ALA A 204 -24.19 4.76 5.25
CA ALA A 204 -22.74 4.66 5.18
C ALA A 204 -22.24 3.74 6.28
N ALA A 205 -21.98 2.48 5.93
CA ALA A 205 -21.64 1.43 6.89
C ALA A 205 -20.14 1.13 6.90
N GLY A 206 -19.57 1.04 8.09
CA GLY A 206 -18.17 0.66 8.26
C GLY A 206 -17.17 1.62 7.64
N GLY A 207 -16.00 1.11 7.29
CA GLY A 207 -14.95 1.91 6.66
C GLY A 207 -13.67 1.96 7.46
N TYR A 208 -12.74 2.79 7.01
CA TYR A 208 -11.42 2.93 7.62
C TYR A 208 -11.08 4.42 7.81
N ASP A 209 -10.99 4.84 9.07
CA ASP A 209 -10.79 6.26 9.40
C ASP A 209 -9.32 6.66 9.55
N GLY A 210 -8.40 5.82 9.08
CA GLY A 210 -6.97 6.06 9.21
C GLY A 210 -6.35 5.30 10.37
N GLN A 211 -7.04 5.29 11.50
CA GLN A 211 -6.60 4.56 12.69
C GLN A 211 -7.13 3.13 12.69
N ASP A 212 -8.46 3.00 12.72
CA ASP A 212 -9.12 1.72 12.94
C ASP A 212 -10.17 1.40 11.86
N GLN A 213 -10.64 0.16 11.86
CA GLN A 213 -11.76 -0.25 11.02
C GLN A 213 -13.05 -0.07 11.82
N LEU A 214 -14.11 0.37 11.15
CA LEU A 214 -15.35 0.78 11.81
C LEU A 214 -16.46 -0.26 11.71
N ASN A 215 -17.30 -0.32 12.74
CA ASN A 215 -18.55 -1.08 12.70
C ASN A 215 -19.78 -0.17 12.78
N SER A 216 -19.55 1.14 12.91
CA SER A 216 -20.64 2.10 13.05
C SER A 216 -21.32 2.36 11.70
N VAL A 217 -22.61 2.68 11.76
CA VAL A 217 -23.40 2.93 10.56
C VAL A 217 -24.22 4.20 10.76
N GLU A 218 -24.16 5.10 9.79
CA GLU A 218 -24.93 6.35 9.83
C GLU A 218 -25.62 6.60 8.49
N ARG A 219 -26.81 7.20 8.55
CA ARG A 219 -27.62 7.46 7.36
C ARG A 219 -27.93 8.95 7.20
N TYR A 220 -28.09 9.37 5.95
CA TYR A 220 -28.33 10.78 5.61
C TYR A 220 -29.73 10.99 5.04
N ASP A 221 -30.57 11.70 5.79
CA ASP A 221 -31.87 12.13 5.29
C ASP A 221 -31.65 13.41 4.49
N VAL A 222 -32.04 13.38 3.22
CA VAL A 222 -31.78 14.49 2.30
C VAL A 222 -32.59 15.76 2.60
N GLU A 223 -33.77 15.59 3.19
CA GLU A 223 -34.65 16.73 3.50
C GLU A 223 -34.19 17.47 4.76
N THR A 224 -33.85 16.72 5.81
CA THR A 224 -33.36 17.32 7.06
C THR A 224 -31.90 17.75 6.96
N GLU A 225 -31.17 17.16 6.00
CA GLU A 225 -29.75 17.43 5.80
C GLU A 225 -28.93 17.09 7.04
N THR A 226 -29.22 15.93 7.62
CA THR A 226 -28.62 15.51 8.89
C THR A 226 -28.20 14.05 8.86
N TRP A 227 -26.96 13.79 9.27
CA TRP A 227 -26.47 12.41 9.43
C TRP A 227 -26.85 11.90 10.82
N THR A 228 -27.31 10.66 10.89
CA THR A 228 -27.76 10.06 12.14
C THR A 228 -27.30 8.61 12.25
N PHE A 229 -26.74 8.25 13.41
CA PHE A 229 -26.27 6.88 13.65
C PHE A 229 -27.44 5.91 13.81
N VAL A 230 -27.24 4.69 13.32
CA VAL A 230 -28.18 3.59 13.53
C VAL A 230 -27.45 2.45 14.25
N ALA A 231 -28.07 1.29 14.35
CA ALA A 231 -27.44 0.13 15.00
C ALA A 231 -26.16 -0.27 14.26
N PRO A 232 -25.05 -0.44 14.99
CA PRO A 232 -23.78 -0.80 14.35
C PRO A 232 -23.73 -2.28 13.97
N MET A 233 -22.79 -2.63 13.10
CA MET A 233 -22.64 -4.00 12.63
C MET A 233 -21.98 -4.88 13.70
N LYS A 234 -22.21 -6.19 13.59
CA LYS A 234 -21.55 -7.19 14.45
C LYS A 234 -20.04 -7.08 14.31
N HIS A 235 -19.56 -7.13 13.06
CA HIS A 235 -18.13 -7.07 12.77
C HIS A 235 -17.71 -5.69 12.28
N ARG A 236 -16.53 -5.25 12.72
CA ARG A 236 -15.88 -4.07 12.16
C ARG A 236 -15.35 -4.46 10.78
N ARG A 237 -15.60 -3.63 9.78
CA ARG A 237 -15.21 -3.98 8.42
C ARG A 237 -14.97 -2.76 7.52
N SER A 238 -13.87 -2.81 6.76
CA SER A 238 -13.56 -1.82 5.73
C SER A 238 -13.40 -2.52 4.39
N ALA A 239 -13.47 -1.76 3.31
CA ALA A 239 -13.42 -2.31 1.95
C ALA A 239 -14.47 -3.40 1.75
N LEU A 240 -15.70 -3.10 2.19
CA LEU A 240 -16.80 -4.05 2.15
C LEU A 240 -17.69 -3.82 0.93
N GLY A 241 -18.33 -4.89 0.47
CA GLY A 241 -19.34 -4.81 -0.57
C GLY A 241 -20.70 -4.59 0.06
N ILE A 242 -21.54 -3.78 -0.58
CA ILE A 242 -22.85 -3.45 -0.04
C ILE A 242 -23.92 -3.42 -1.14
N THR A 243 -25.15 -3.79 -0.76
CA THR A 243 -26.29 -3.71 -1.68
C THR A 243 -27.61 -3.78 -0.92
N VAL A 244 -28.70 -3.56 -1.64
CA VAL A 244 -30.05 -3.56 -1.06
C VAL A 244 -30.95 -4.54 -1.81
N HIS A 245 -31.75 -5.30 -1.06
CA HIS A 245 -32.66 -6.28 -1.64
C HIS A 245 -33.95 -6.37 -0.80
N GLN A 246 -35.05 -5.89 -1.36
CA GLN A 246 -36.36 -5.93 -0.72
C GLN A 246 -36.37 -5.28 0.66
N GLY A 247 -35.93 -4.02 0.72
CA GLY A 247 -35.98 -3.23 1.95
C GLY A 247 -35.00 -3.66 3.04
N ARG A 248 -33.88 -4.26 2.65
CA ARG A 248 -32.87 -4.73 3.59
C ARG A 248 -31.46 -4.57 3.01
N ILE A 249 -30.54 -4.04 3.81
CA ILE A 249 -29.15 -3.84 3.39
C ILE A 249 -28.38 -5.13 3.61
N TYR A 250 -27.55 -5.50 2.63
CA TYR A 250 -26.67 -6.66 2.74
C TYR A 250 -25.21 -6.23 2.58
N VAL A 251 -24.43 -6.40 3.65
CA VAL A 251 -22.99 -6.12 3.61
C VAL A 251 -22.22 -7.43 3.48
N LEU A 252 -21.26 -7.47 2.53
CA LEU A 252 -20.54 -8.70 2.21
C LEU A 252 -19.02 -8.53 2.41
N GLY A 253 -18.45 -9.38 3.26
CA GLY A 253 -17.01 -9.46 3.44
C GLY A 253 -16.39 -8.20 4.03
N GLY A 254 -15.14 -7.96 3.68
CA GLY A 254 -14.39 -6.81 4.17
C GLY A 254 -13.13 -7.19 4.93
N TYR A 255 -12.56 -6.22 5.62
CA TYR A 255 -11.31 -6.42 6.37
C TYR A 255 -11.43 -5.75 7.73
N ASP A 256 -11.13 -6.50 8.79
CA ASP A 256 -11.34 -6.03 10.17
C ASP A 256 -10.05 -5.64 10.90
N GLY A 257 -8.94 -5.54 10.16
CA GLY A 257 -7.64 -5.21 10.74
C GLY A 257 -6.72 -6.41 10.91
N HIS A 258 -7.31 -7.60 11.01
CA HIS A 258 -6.57 -8.85 11.19
CA HIS A 258 -6.55 -8.85 11.18
C HIS A 258 -6.93 -9.87 10.11
N THR A 259 -8.22 -10.21 10.04
CA THR A 259 -8.71 -11.21 9.10
C THR A 259 -9.55 -10.60 7.98
N PHE A 260 -9.71 -11.37 6.91
CA PHE A 260 -10.62 -11.03 5.81
C PHE A 260 -11.92 -11.78 6.04
N LEU A 261 -13.02 -11.02 6.16
CA LEU A 261 -14.29 -11.59 6.59
C LEU A 261 -15.01 -12.34 5.47
N ASP A 262 -15.61 -13.47 5.84
CA ASP A 262 -16.52 -14.20 4.95
C ASP A 262 -17.98 -13.97 5.35
N SER A 263 -18.18 -13.17 6.40
CA SER A 263 -19.51 -12.94 6.97
C SER A 263 -20.36 -12.04 6.07
N VAL A 264 -21.66 -12.33 6.05
CA VAL A 264 -22.64 -11.50 5.33
C VAL A 264 -23.76 -11.12 6.30
N GLU A 265 -23.76 -9.87 6.75
CA GLU A 265 -24.78 -9.38 7.68
C GLU A 265 -25.94 -8.73 6.92
N CYS A 266 -27.09 -8.67 7.57
CA CYS A 266 -28.32 -8.13 6.96
C CYS A 266 -29.03 -7.17 7.91
N TYR A 267 -29.22 -5.93 7.47
CA TYR A 267 -29.86 -4.89 8.28
C TYR A 267 -31.36 -4.81 8.02
N ASP A 268 -32.14 -4.85 9.10
CA ASP A 268 -33.58 -4.66 9.03
C ASP A 268 -33.90 -3.27 9.62
N PRO A 269 -34.36 -2.33 8.76
CA PRO A 269 -34.59 -0.96 9.24
C PRO A 269 -35.81 -0.81 10.14
N ASP A 270 -36.76 -1.73 10.03
CA ASP A 270 -37.98 -1.70 10.86
C ASP A 270 -37.66 -1.95 12.34
N THR A 271 -36.72 -2.86 12.59
CA THR A 271 -36.31 -3.21 13.95
C THR A 271 -34.98 -2.57 14.37
N ASP A 272 -34.24 -2.02 13.39
CA ASP A 272 -32.92 -1.42 13.64
C ASP A 272 -31.97 -2.44 14.25
N THR A 273 -31.78 -3.57 13.55
CA THR A 273 -30.91 -4.64 14.01
C THR A 273 -30.21 -5.34 12.84
N TRP A 274 -28.97 -5.75 13.07
CA TRP A 274 -28.21 -6.55 12.11
C TRP A 274 -28.27 -8.02 12.50
N SER A 275 -28.10 -8.89 11.52
CA SER A 275 -28.08 -10.34 11.76
C SER A 275 -27.29 -11.05 10.66
N GLU A 276 -26.48 -12.03 11.06
CA GLU A 276 -25.68 -12.80 10.11
C GLU A 276 -26.56 -13.82 9.39
N VAL A 277 -26.77 -13.59 8.10
CA VAL A 277 -27.69 -14.42 7.30
C VAL A 277 -26.99 -15.56 6.56
N THR A 278 -25.73 -15.35 6.15
CA THR A 278 -24.96 -16.37 5.45
C THR A 278 -23.46 -16.10 5.50
N ARG A 279 -22.70 -17.06 4.98
CA ARG A 279 -21.25 -16.93 4.85
C ARG A 279 -20.85 -17.08 3.39
N MET A 280 -19.81 -16.37 2.98
CA MET A 280 -19.24 -16.53 1.64
C MET A 280 -18.34 -17.79 1.67
N THR A 281 -18.07 -18.35 0.50
CA THR A 281 -17.24 -19.56 0.39
C THR A 281 -15.83 -19.34 0.95
N SER A 282 -15.34 -18.10 0.84
CA SER A 282 -14.05 -17.73 1.41
C SER A 282 -14.03 -16.24 1.77
N GLY A 283 -13.26 -15.89 2.80
CA GLY A 283 -13.15 -14.50 3.24
C GLY A 283 -12.45 -13.63 2.23
N ARG A 284 -12.92 -12.39 2.07
CA ARG A 284 -12.38 -11.48 1.06
C ARG A 284 -12.75 -10.02 1.34
N SER A 285 -12.01 -9.12 0.70
CA SER A 285 -12.26 -7.68 0.80
C SER A 285 -12.09 -7.00 -0.55
N GLY A 286 -12.68 -5.82 -0.70
CA GLY A 286 -12.58 -5.06 -1.95
C GLY A 286 -13.38 -5.68 -3.08
N VAL A 287 -14.55 -6.22 -2.76
CA VAL A 287 -15.41 -6.89 -3.74
C VAL A 287 -16.34 -5.91 -4.43
N GLY A 288 -16.73 -6.24 -5.66
CA GLY A 288 -17.74 -5.49 -6.40
C GLY A 288 -19.09 -6.19 -6.25
N VAL A 289 -20.08 -5.47 -5.74
CA VAL A 289 -21.39 -6.05 -5.44
C VAL A 289 -22.52 -5.31 -6.15
N ALA A 290 -23.52 -6.07 -6.59
CA ALA A 290 -24.73 -5.52 -7.20
C ALA A 290 -25.87 -6.54 -7.12
N VAL A 291 -27.08 -6.08 -7.42
CA VAL A 291 -28.28 -6.93 -7.38
C VAL A 291 -29.03 -6.91 -8.70
N THR A 292 -29.79 -7.99 -8.94
CA THR A 292 -30.74 -8.03 -10.04
C THR A 292 -31.80 -6.95 -9.81
N LEU A 293 -32.08 -6.16 -10.85
CA LEU A 293 -32.94 -4.99 -10.70
C LEU A 293 -34.40 -5.34 -10.45
N GLU A 294 -35.08 -4.47 -9.71
CA GLU A 294 -36.51 -4.58 -9.45
C GLU A 294 -37.27 -3.83 -10.53
N HIS A 295 -38.55 -4.20 -10.72
CA HIS A 295 -39.41 -3.50 -11.68
C HIS A 295 -39.89 -2.17 -11.10
N ALA B 4 40.52 -5.77 20.56
CA ALA B 4 39.41 -5.76 21.57
C ALA B 4 38.03 -5.70 20.91
N PRO B 5 37.61 -6.82 20.27
CA PRO B 5 36.30 -6.84 19.60
C PRO B 5 35.14 -6.98 20.59
N LYS B 6 34.05 -6.26 20.34
CA LYS B 6 32.86 -6.34 21.17
C LYS B 6 32.11 -7.65 20.92
N VAL B 7 31.46 -8.16 21.96
CA VAL B 7 30.73 -9.43 21.87
C VAL B 7 29.22 -9.19 22.09
N GLY B 8 28.40 -10.06 21.50
CA GLY B 8 26.95 -9.99 21.67
C GLY B 8 26.28 -8.89 20.86
N ARG B 9 26.81 -8.62 19.67
CA ARG B 9 26.20 -7.65 18.75
C ARG B 9 25.03 -8.33 18.02
N LEU B 10 24.00 -7.55 17.71
CA LEU B 10 22.77 -8.08 17.11
C LEU B 10 22.44 -7.39 15.79
N ILE B 11 22.18 -8.19 14.76
CA ILE B 11 21.67 -7.68 13.48
C ILE B 11 20.15 -7.54 13.58
N TYR B 12 19.67 -6.30 13.72
CA TYR B 12 18.24 -6.04 13.80
C TYR B 12 17.61 -6.04 12.41
N THR B 13 16.35 -6.45 12.33
CA THR B 13 15.53 -6.30 11.13
C THR B 13 14.16 -5.78 11.53
N ALA B 14 13.82 -4.58 11.04
CA ALA B 14 12.58 -3.90 11.43
C ALA B 14 11.65 -3.71 10.23
N GLY B 15 10.38 -4.00 10.43
CA GLY B 15 9.36 -3.78 9.40
C GLY B 15 9.46 -4.75 8.24
N GLY B 16 9.13 -4.26 7.04
CA GLY B 16 9.17 -5.06 5.82
C GLY B 16 7.80 -5.23 5.21
N TYR B 17 7.72 -6.03 4.14
CA TYR B 17 6.47 -6.27 3.43
C TYR B 17 6.30 -7.74 3.06
N PHE B 18 5.12 -8.29 3.36
CA PHE B 18 4.71 -9.59 2.88
C PHE B 18 3.19 -9.62 2.77
N ARG B 19 2.68 -9.30 1.59
CA ARG B 19 1.23 -9.12 1.34
C ARG B 19 0.66 -7.83 1.97
N GLN B 20 1.27 -7.39 3.08
CA GLN B 20 1.03 -6.05 3.62
C GLN B 20 2.25 -5.61 4.42
N SER B 21 2.30 -4.33 4.79
CA SER B 21 3.42 -3.81 5.57
C SER B 21 3.48 -4.48 6.95
N LEU B 22 4.69 -4.86 7.36
CA LEU B 22 4.90 -5.60 8.60
C LEU B 22 5.37 -4.69 9.71
N SER B 23 5.24 -5.15 10.95
CA SER B 23 5.68 -4.41 12.13
C SER B 23 6.65 -5.23 12.99
N TYR B 24 7.25 -6.26 12.40
CA TYR B 24 8.14 -7.16 13.14
C TYR B 24 9.47 -6.49 13.45
N LEU B 25 9.92 -6.60 14.70
CA LEU B 25 11.29 -6.30 15.07
C LEU B 25 11.94 -7.59 15.56
N GLU B 26 12.92 -8.08 14.80
CA GLU B 26 13.65 -9.29 15.17
C GLU B 26 15.15 -9.02 15.12
N ALA B 27 15.90 -9.72 15.97
CA ALA B 27 17.34 -9.52 16.09
C ALA B 27 18.09 -10.84 15.96
N TYR B 28 19.03 -10.89 15.01
CA TYR B 28 19.85 -12.07 14.79
C TYR B 28 21.22 -11.90 15.42
N ASN B 29 21.68 -12.94 16.11
CA ASN B 29 23.01 -12.98 16.69
C ASN B 29 23.91 -13.86 15.82
N PRO B 30 24.85 -13.26 15.08
CA PRO B 30 25.72 -14.03 14.16
C PRO B 30 26.62 -15.07 14.84
N SER B 31 26.94 -14.86 16.12
CA SER B 31 27.84 -15.76 16.85
C SER B 31 27.20 -17.12 17.12
N ASP B 32 26.12 -17.13 17.91
CA ASP B 32 25.44 -18.37 18.28
C ASP B 32 24.31 -18.76 17.32
N GLY B 33 23.97 -17.85 16.40
CA GLY B 33 22.97 -18.13 15.36
C GLY B 33 21.54 -18.16 15.85
N THR B 34 21.22 -17.37 16.88
CA THR B 34 19.89 -17.34 17.48
C THR B 34 19.12 -16.10 17.03
N TRP B 35 17.78 -16.21 17.06
CA TRP B 35 16.89 -15.10 16.73
C TRP B 35 16.11 -14.67 17.97
N LEU B 36 15.93 -13.35 18.13
CA LEU B 36 15.13 -12.80 19.21
C LEU B 36 13.86 -12.15 18.67
N ASP B 37 12.73 -12.37 19.34
CA ASP B 37 11.46 -11.76 18.96
C ASP B 37 11.20 -10.55 19.86
N LEU B 38 11.56 -9.37 19.35
CA LEU B 38 11.50 -8.13 20.12
C LEU B 38 10.18 -7.40 19.93
N ALA B 39 10.01 -6.28 20.64
CA ALA B 39 8.78 -5.49 20.60
C ALA B 39 8.49 -4.95 19.20
N ASP B 40 7.26 -5.15 18.73
CA ASP B 40 6.85 -4.75 17.39
C ASP B 40 6.77 -3.23 17.22
N LEU B 41 6.85 -2.78 15.98
CA LEU B 41 6.68 -1.36 15.66
C LEU B 41 5.25 -0.91 15.99
N GLN B 42 5.11 0.38 16.29
CA GLN B 42 3.80 0.95 16.62
C GLN B 42 2.93 0.96 15.37
N VAL B 43 3.50 1.43 14.26
CA VAL B 43 2.84 1.45 12.96
C VAL B 43 3.62 0.55 12.00
N PRO B 44 2.95 -0.43 11.37
CA PRO B 44 3.62 -1.29 10.38
C PRO B 44 4.19 -0.48 9.22
N ARG B 45 5.38 -0.86 8.75
CA ARG B 45 6.08 -0.08 7.73
C ARG B 45 6.94 -0.92 6.79
N SER B 46 6.92 -0.55 5.51
CA SER B 46 7.81 -1.11 4.50
C SER B 46 8.52 0.03 3.78
N GLY B 47 9.65 -0.28 3.15
CA GLY B 47 10.45 0.74 2.47
C GLY B 47 11.14 1.70 3.43
N LEU B 48 11.32 1.26 4.68
CA LEU B 48 11.96 2.08 5.70
C LEU B 48 13.46 1.78 5.77
N ALA B 49 14.17 2.54 6.60
CA ALA B 49 15.61 2.34 6.80
C ALA B 49 15.94 2.33 8.29
N GLY B 50 16.94 1.54 8.65
CA GLY B 50 17.36 1.41 10.05
C GLY B 50 18.79 1.84 10.27
N CYS B 51 19.06 2.39 11.45
CA CYS B 51 20.42 2.78 11.85
C CYS B 51 20.54 2.82 13.37
N VAL B 52 21.76 2.65 13.85
CA VAL B 52 22.05 2.64 15.29
C VAL B 52 22.94 3.83 15.66
N VAL B 53 22.48 4.63 16.63
CA VAL B 53 23.25 5.77 17.13
C VAL B 53 23.22 5.77 18.67
N GLY B 54 24.38 5.54 19.27
CA GLY B 54 24.52 5.59 20.73
C GLY B 54 23.72 4.55 21.48
N GLY B 55 23.78 3.30 21.02
CA GLY B 55 23.08 2.19 21.66
C GLY B 55 21.57 2.19 21.49
N LEU B 56 21.08 2.92 20.49
CA LEU B 56 19.65 2.99 20.20
C LEU B 56 19.38 2.77 18.72
N LEU B 57 18.40 1.92 18.41
CA LEU B 57 18.01 1.63 17.03
C LEU B 57 16.94 2.62 16.58
N TYR B 58 17.07 3.12 15.36
CA TYR B 58 16.11 4.06 14.79
C TYR B 58 15.43 3.49 13.55
N ALA B 59 14.14 3.75 13.41
CA ALA B 59 13.38 3.36 12.22
C ALA B 59 12.91 4.63 11.52
N VAL B 60 13.31 4.81 10.26
CA VAL B 60 13.11 6.07 9.55
C VAL B 60 12.28 5.87 8.28
N GLY B 61 11.26 6.72 8.11
CA GLY B 61 10.47 6.78 6.87
C GLY B 61 9.72 5.49 6.54
N GLY B 62 9.44 5.30 5.26
CA GLY B 62 8.74 4.11 4.77
C GLY B 62 7.29 4.38 4.44
N ARG B 63 6.50 3.31 4.32
CA ARG B 63 5.08 3.39 3.99
C ARG B 63 4.31 2.26 4.68
N ASN B 64 3.10 2.58 5.13
CA ASN B 64 2.18 1.58 5.70
C ASN B 64 1.22 1.08 4.62
N ASN B 65 1.60 0.00 3.95
CA ASN B 65 0.77 -0.62 2.92
C ASN B 65 -0.19 -1.63 3.56
N SER B 66 -1.49 -1.38 3.44
CA SER B 66 -2.51 -2.25 4.04
C SER B 66 -3.63 -2.54 3.03
N PRO B 67 -4.49 -3.53 3.31
CA PRO B 67 -5.61 -3.84 2.39
C PRO B 67 -6.60 -2.70 2.18
N ASP B 68 -6.72 -1.80 3.16
CA ASP B 68 -7.70 -0.72 3.11
C ASP B 68 -7.08 0.67 2.93
N GLY B 69 -5.93 0.73 2.23
CA GLY B 69 -5.28 2.01 1.91
C GLY B 69 -3.80 2.04 2.19
N ASN B 70 -3.15 3.10 1.69
CA ASN B 70 -1.70 3.29 1.86
C ASN B 70 -1.40 4.66 2.48
N THR B 71 -0.33 4.74 3.26
CA THR B 71 0.09 5.99 3.89
C THR B 71 1.61 6.07 3.98
N ASP B 72 2.19 7.08 3.32
CA ASP B 72 3.63 7.33 3.40
C ASP B 72 3.98 7.90 4.77
N SER B 73 5.11 7.47 5.32
CA SER B 73 5.50 7.82 6.67
C SER B 73 6.63 8.84 6.72
N SER B 74 6.49 9.83 7.60
CA SER B 74 7.57 10.77 7.93
C SER B 74 8.07 10.50 9.35
N ALA B 75 7.77 9.33 9.88
CA ALA B 75 7.99 9.03 11.29
C ALA B 75 9.43 8.64 11.60
N LEU B 76 9.89 9.05 12.78
CA LEU B 76 11.17 8.59 13.33
C LEU B 76 10.89 7.97 14.69
N ASP B 77 11.06 6.66 14.79
CA ASP B 77 10.81 5.92 16.03
C ASP B 77 12.11 5.34 16.56
N CYS B 78 12.29 5.40 17.88
CA CYS B 78 13.53 5.00 18.53
C CYS B 78 13.32 3.79 19.44
N TYR B 79 14.04 2.71 19.16
CA TYR B 79 13.96 1.48 19.96
C TYR B 79 15.12 1.40 20.94
N ASN B 80 14.80 1.21 22.22
CA ASN B 80 15.79 1.05 23.28
C ASN B 80 15.85 -0.42 23.70
N PRO B 81 16.99 -1.10 23.43
CA PRO B 81 17.13 -2.53 23.75
C PRO B 81 17.01 -2.86 25.24
N MET B 82 17.39 -1.92 26.11
CA MET B 82 17.32 -2.13 27.56
C MET B 82 15.87 -2.24 28.05
N THR B 83 14.98 -1.45 27.46
CA THR B 83 13.57 -1.44 27.85
C THR B 83 12.66 -2.26 26.93
N ASN B 84 13.18 -2.64 25.75
CA ASN B 84 12.40 -3.33 24.73
C ASN B 84 11.16 -2.53 24.35
N GLN B 85 11.36 -1.23 24.13
CA GLN B 85 10.26 -0.30 23.88
C GLN B 85 10.59 0.66 22.73
N TRP B 86 9.57 0.94 21.91
CA TRP B 86 9.67 1.95 20.86
C TRP B 86 9.16 3.29 21.39
N SER B 87 9.86 4.36 21.06
CA SER B 87 9.46 5.72 21.45
C SER B 87 9.49 6.64 20.23
N PRO B 88 8.43 7.44 20.03
CA PRO B 88 8.38 8.34 18.88
C PRO B 88 9.25 9.57 19.06
N CYS B 89 9.97 9.94 18.00
CA CYS B 89 10.81 11.14 17.99
C CYS B 89 10.16 12.20 17.10
N ALA B 90 10.87 13.30 16.87
CA ALA B 90 10.39 14.34 15.96
C ALA B 90 10.33 13.79 14.53
N PRO B 91 9.19 13.97 13.84
CA PRO B 91 9.07 13.46 12.47
C PRO B 91 9.82 14.33 11.48
N MET B 92 10.09 13.78 10.30
CA MET B 92 10.78 14.49 9.24
C MET B 92 9.89 15.58 8.64
N SER B 93 10.50 16.50 7.90
CA SER B 93 9.79 17.60 7.25
C SER B 93 8.79 17.10 6.19
N VAL B 94 9.10 15.95 5.59
CA VAL B 94 8.26 15.36 4.56
C VAL B 94 8.31 13.82 4.66
N PRO B 95 7.21 13.13 4.30
CA PRO B 95 7.26 11.67 4.23
C PRO B 95 8.27 11.14 3.21
N ARG B 96 8.91 10.03 3.54
CA ARG B 96 9.94 9.43 2.69
C ARG B 96 9.82 7.91 2.64
N ASN B 97 9.14 7.40 1.62
CA ASN B 97 9.06 5.96 1.39
C ASN B 97 10.20 5.51 0.48
N ARG B 98 10.71 4.30 0.70
CA ARG B 98 11.87 3.77 -0.02
C ARG B 98 13.08 4.69 0.22
N ILE B 99 13.35 4.91 1.50
CA ILE B 99 14.37 5.87 1.96
C ILE B 99 15.72 5.20 2.15
N GLY B 100 16.78 5.99 2.07
CA GLY B 100 18.13 5.57 2.44
C GLY B 100 18.66 6.45 3.55
N VAL B 101 19.39 5.86 4.49
CA VAL B 101 19.93 6.62 5.62
C VAL B 101 21.40 6.28 5.92
N GLY B 102 22.10 7.25 6.51
CA GLY B 102 23.49 7.06 6.93
C GLY B 102 23.80 7.94 8.14
N VAL B 103 24.78 7.52 8.94
CA VAL B 103 25.13 8.20 10.17
C VAL B 103 26.54 8.79 10.09
N ILE B 104 26.64 10.10 10.31
CA ILE B 104 27.94 10.78 10.39
C ILE B 104 27.97 11.67 11.64
N ASP B 105 28.97 11.46 12.49
CA ASP B 105 29.16 12.25 13.71
C ASP B 105 27.94 12.21 14.63
N GLY B 106 27.28 11.05 14.70
CA GLY B 106 26.13 10.85 15.56
C GLY B 106 24.84 11.51 15.10
N HIS B 107 24.80 11.95 13.84
CA HIS B 107 23.59 12.54 13.26
C HIS B 107 23.07 11.67 12.13
N ILE B 108 21.75 11.46 12.10
CA ILE B 108 21.11 10.60 11.10
C ILE B 108 20.73 11.41 9.87
N TYR B 109 21.19 10.98 8.70
CA TYR B 109 20.85 11.62 7.43
C TYR B 109 19.74 10.86 6.72
N ALA B 110 18.63 11.55 6.45
CA ALA B 110 17.51 10.96 5.68
C ALA B 110 17.62 11.38 4.23
N VAL B 111 17.91 10.42 3.35
CA VAL B 111 18.21 10.70 1.94
C VAL B 111 17.10 10.20 1.01
N GLY B 112 16.64 11.08 0.13
CA GLY B 112 15.73 10.71 -0.95
C GLY B 112 14.38 10.19 -0.50
N GLY B 113 13.90 9.13 -1.14
CA GLY B 113 12.60 8.55 -0.84
C GLY B 113 11.48 9.25 -1.61
N SER B 114 10.26 8.76 -1.43
CA SER B 114 9.10 9.29 -2.14
C SER B 114 7.95 9.67 -1.21
N HIS B 115 7.16 10.65 -1.63
CA HIS B 115 5.90 11.00 -0.98
C HIS B 115 4.81 11.04 -2.04
N GLY B 116 4.12 9.91 -2.22
CA GLY B 116 3.12 9.77 -3.27
C GLY B 116 3.78 9.81 -4.64
N CYS B 117 3.65 10.95 -5.32
CA CYS B 117 4.27 11.14 -6.64
C CYS B 117 5.59 11.88 -6.59
N ILE B 118 5.81 12.65 -5.52
CA ILE B 118 7.03 13.46 -5.39
C ILE B 118 8.23 12.56 -5.07
N HIS B 119 9.16 12.47 -6.02
CA HIS B 119 10.41 11.75 -5.84
C HIS B 119 11.45 12.74 -5.32
N HIS B 120 11.88 12.56 -4.08
CA HIS B 120 12.71 13.56 -3.40
C HIS B 120 14.17 13.55 -3.85
N ASN B 121 14.73 14.74 -4.02
CA ASN B 121 16.19 14.92 -4.04
C ASN B 121 16.66 15.63 -2.77
N SER B 122 15.72 15.96 -1.89
CA SER B 122 16.01 16.67 -0.65
C SER B 122 16.61 15.74 0.40
N VAL B 123 17.42 16.30 1.28
CA VAL B 123 18.10 15.54 2.34
C VAL B 123 18.04 16.35 3.64
N GLU B 124 17.73 15.66 4.73
CA GLU B 124 17.64 16.30 6.05
C GLU B 124 18.38 15.50 7.12
N ARG B 125 18.80 16.22 8.17
CA ARG B 125 19.67 15.67 9.20
C ARG B 125 19.03 15.76 10.57
N TYR B 126 19.11 14.66 11.33
CA TYR B 126 18.51 14.58 12.67
C TYR B 126 19.59 14.65 13.74
N GLU B 127 19.34 15.47 14.77
CA GLU B 127 20.22 15.58 15.93
C GLU B 127 19.52 14.97 17.15
N PRO B 128 19.95 13.77 17.58
CA PRO B 128 19.34 13.09 18.74
C PRO B 128 19.34 13.90 20.04
N GLU B 129 20.35 14.74 20.24
CA GLU B 129 20.49 15.49 21.50
C GLU B 129 19.42 16.56 21.69
N ARG B 130 18.96 17.17 20.60
CA ARG B 130 17.92 18.21 20.66
C ARG B 130 16.61 17.81 19.96
N ASP B 131 16.57 16.63 19.36
CA ASP B 131 15.35 16.10 18.72
C ASP B 131 14.81 17.06 17.65
N GLU B 132 15.64 17.33 16.65
CA GLU B 132 15.29 18.25 15.57
C GLU B 132 15.80 17.78 14.22
N TRP B 133 14.96 17.91 13.19
CA TRP B 133 15.36 17.67 11.81
C TRP B 133 15.70 19.01 11.14
N HIS B 134 16.74 19.02 10.32
CA HIS B 134 17.12 20.20 9.56
C HIS B 134 17.55 19.83 8.14
N LEU B 135 17.06 20.58 7.16
CA LEU B 135 17.40 20.34 5.76
C LEU B 135 18.85 20.75 5.47
N VAL B 136 19.57 19.89 4.75
CA VAL B 136 20.91 20.21 4.26
C VAL B 136 20.82 20.39 2.73
N ALA B 137 21.97 20.50 2.07
CA ALA B 137 22.00 20.67 0.62
C ALA B 137 21.34 19.47 -0.08
N PRO B 138 20.43 19.72 -1.05
CA PRO B 138 19.75 18.63 -1.74
C PRO B 138 20.67 17.92 -2.73
N MET B 139 20.32 16.68 -3.06
CA MET B 139 21.08 15.89 -4.04
C MET B 139 20.95 16.47 -5.44
N LEU B 140 21.89 16.10 -6.31
CA LEU B 140 21.88 16.52 -7.70
C LEU B 140 20.85 15.71 -8.51
N THR B 141 20.46 14.56 -7.98
CA THR B 141 19.47 13.69 -8.63
C THR B 141 18.38 13.29 -7.64
N ARG B 142 17.13 13.22 -8.12
CA ARG B 142 16.03 12.67 -7.34
C ARG B 142 16.21 11.16 -7.26
N ARG B 143 16.05 10.59 -6.07
CA ARG B 143 16.32 9.17 -5.85
C ARG B 143 15.34 8.53 -4.88
N ILE B 144 14.66 7.48 -5.32
CA ILE B 144 13.89 6.59 -4.44
C ILE B 144 14.45 5.18 -4.58
N GLY B 145 14.40 4.41 -3.50
CA GLY B 145 15.06 3.11 -3.45
C GLY B 145 16.56 3.25 -3.46
N VAL B 146 17.04 4.37 -2.89
CA VAL B 146 18.46 4.69 -2.88
C VAL B 146 19.19 3.96 -1.77
N GLY B 147 20.40 3.49 -2.07
CA GLY B 147 21.27 2.87 -1.07
C GLY B 147 22.29 3.89 -0.58
N VAL B 148 22.49 3.93 0.74
CA VAL B 148 23.37 4.93 1.35
C VAL B 148 24.51 4.26 2.13
N ALA B 149 25.71 4.80 1.97
CA ALA B 149 26.90 4.30 2.66
C ALA B 149 27.73 5.48 3.19
N VAL B 150 28.36 5.26 4.34
CA VAL B 150 29.22 6.26 4.97
C VAL B 150 30.66 5.78 4.97
N LEU B 151 31.57 6.62 4.45
CA LEU B 151 32.97 6.26 4.32
C LEU B 151 33.84 7.51 4.36
N ASN B 152 34.85 7.51 5.24
CA ASN B 152 35.74 8.66 5.44
C ASN B 152 34.97 9.95 5.75
N ARG B 153 33.92 9.81 6.55
CA ARG B 153 33.06 10.93 6.97
C ARG B 153 32.37 11.63 5.79
N LEU B 154 32.11 10.86 4.72
CA LEU B 154 31.36 11.34 3.56
C LEU B 154 30.14 10.45 3.34
N LEU B 155 29.04 11.04 2.88
CA LEU B 155 27.81 10.29 2.61
C LEU B 155 27.70 9.99 1.13
N TYR B 156 27.59 8.71 0.77
CA TYR B 156 27.44 8.29 -0.61
C TYR B 156 26.01 7.81 -0.89
N ALA B 157 25.37 8.41 -1.89
CA ALA B 157 24.04 8.00 -2.33
C ALA B 157 24.17 7.24 -3.65
N VAL B 158 23.76 5.97 -3.65
CA VAL B 158 24.01 5.07 -4.78
C VAL B 158 22.71 4.53 -5.38
N GLY B 159 22.59 4.66 -6.70
CA GLY B 159 21.47 4.08 -7.45
C GLY B 159 20.14 4.74 -7.17
N GLY B 160 19.06 4.04 -7.50
CA GLY B 160 17.70 4.50 -7.24
C GLY B 160 16.86 4.70 -8.48
N PHE B 161 15.85 5.56 -8.36
CA PHE B 161 14.87 5.81 -9.41
C PHE B 161 14.37 7.25 -9.29
N ASP B 162 14.58 8.06 -10.33
CA ASP B 162 14.28 9.49 -10.28
C ASP B 162 12.84 9.87 -10.65
N GLY B 163 12.01 8.87 -10.95
CA GLY B 163 10.62 9.09 -11.35
C GLY B 163 10.36 8.64 -12.77
N THR B 164 11.35 8.82 -13.64
CA THR B 164 11.27 8.40 -15.04
C THR B 164 12.32 7.32 -15.35
N ASN B 165 13.57 7.60 -14.99
CA ASN B 165 14.69 6.70 -15.27
C ASN B 165 15.15 5.92 -14.03
N ARG B 166 15.57 4.68 -14.24
CA ARG B 166 16.18 3.87 -13.18
C ARG B 166 17.70 4.09 -13.24
N LEU B 167 18.30 4.39 -12.11
CA LEU B 167 19.63 4.99 -12.06
C LEU B 167 20.78 3.99 -11.82
N ASN B 168 21.87 4.20 -12.54
CA ASN B 168 23.16 3.54 -12.25
C ASN B 168 24.18 4.53 -11.67
N SER B 169 23.76 5.80 -11.54
CA SER B 169 24.65 6.87 -11.11
C SER B 169 24.81 6.89 -9.58
N ALA B 170 25.76 7.69 -9.12
CA ALA B 170 26.02 7.85 -7.69
C ALA B 170 26.66 9.20 -7.40
N GLU B 171 26.44 9.71 -6.19
CA GLU B 171 26.96 11.02 -5.78
C GLU B 171 27.44 11.00 -4.33
N CYS B 172 28.38 11.89 -4.03
CA CYS B 172 29.02 11.94 -2.71
C CYS B 172 28.76 13.29 -2.04
N TYR B 173 28.36 13.25 -0.77
CA TYR B 173 28.06 14.45 0.01
C TYR B 173 29.23 14.80 0.92
N TYR B 174 29.46 16.11 1.09
CA TYR B 174 30.55 16.63 1.92
C TYR B 174 29.96 17.48 3.05
N PRO B 175 29.80 16.87 4.25
CA PRO B 175 29.16 17.56 5.40
C PRO B 175 29.75 18.92 5.77
N GLU B 176 31.07 19.04 5.74
CA GLU B 176 31.74 20.28 6.12
C GLU B 176 31.53 21.39 5.09
N ARG B 177 31.58 21.02 3.81
CA ARG B 177 31.34 21.96 2.71
C ARG B 177 29.84 22.11 2.38
N ASN B 178 29.06 21.10 2.74
CA ASN B 178 27.62 21.05 2.46
C ASN B 178 27.33 21.15 0.95
N GLU B 179 27.79 20.15 0.21
CA GLU B 179 27.55 20.07 -1.24
C GLU B 179 27.68 18.64 -1.75
N TRP B 180 27.05 18.38 -2.90
CA TRP B 180 27.08 17.07 -3.52
C TRP B 180 27.92 17.11 -4.80
N ARG B 181 28.62 16.00 -5.07
CA ARG B 181 29.39 15.85 -6.30
C ARG B 181 29.21 14.44 -6.86
N MET B 182 28.95 14.35 -8.16
CA MET B 182 28.77 13.06 -8.82
C MET B 182 30.08 12.29 -8.87
N ILE B 183 30.00 10.98 -8.67
CA ILE B 183 31.16 10.09 -8.79
C ILE B 183 30.97 9.19 -10.02
N THR B 184 31.85 8.21 -10.18
CA THR B 184 31.74 7.26 -11.29
C THR B 184 30.48 6.43 -11.14
N ALA B 185 29.73 6.28 -12.24
CA ALA B 185 28.49 5.49 -12.24
C ALA B 185 28.79 4.01 -12.18
N MET B 186 27.84 3.23 -11.67
CA MET B 186 27.99 1.79 -11.54
C MET B 186 27.95 1.09 -12.90
N ASN B 187 28.38 -0.17 -12.91
CA ASN B 187 28.32 -1.01 -14.10
C ASN B 187 26.88 -1.40 -14.44
N THR B 188 26.04 -1.50 -13.41
CA THR B 188 24.65 -1.93 -13.56
C THR B 188 23.68 -0.91 -12.97
N ILE B 189 22.51 -0.78 -13.60
CA ILE B 189 21.43 0.05 -13.08
C ILE B 189 20.80 -0.66 -11.88
N ARG B 190 20.68 0.06 -10.76
CA ARG B 190 20.20 -0.54 -9.51
C ARG B 190 19.25 0.40 -8.75
N SER B 191 18.04 -0.09 -8.49
CA SER B 191 17.12 0.56 -7.55
C SER B 191 16.73 -0.45 -6.47
N GLY B 192 16.76 -0.01 -5.23
CA GLY B 192 16.46 -0.89 -4.09
C GLY B 192 17.57 -1.90 -3.83
N ALA B 193 18.81 -1.49 -4.02
CA ALA B 193 19.97 -2.35 -3.81
C ALA B 193 20.49 -2.18 -2.38
N GLY B 194 21.12 -3.24 -1.87
CA GLY B 194 21.74 -3.20 -0.56
C GLY B 194 23.11 -2.57 -0.63
N VAL B 195 23.24 -1.36 -0.08
CA VAL B 195 24.51 -0.63 -0.11
C VAL B 195 25.11 -0.54 1.29
N CYS B 196 26.40 -0.86 1.39
CA CYS B 196 27.13 -0.83 2.65
C CYS B 196 28.61 -0.60 2.40
N VAL B 197 29.39 -0.52 3.49
CA VAL B 197 30.83 -0.30 3.41
CA VAL B 197 30.84 -0.30 3.42
C VAL B 197 31.59 -1.42 4.12
N LEU B 198 32.62 -1.95 3.45
CA LEU B 198 33.43 -3.04 4.00
C LEU B 198 34.88 -2.92 3.53
N HIS B 199 35.80 -2.86 4.48
CA HIS B 199 37.23 -2.71 4.21
C HIS B 199 37.51 -1.57 3.22
N ASN B 200 36.94 -0.40 3.51
CA ASN B 200 37.19 0.83 2.76
C ASN B 200 36.67 0.81 1.31
N CYS B 201 35.64 0.01 1.04
CA CYS B 201 35.02 -0.07 -0.28
C CYS B 201 33.51 -0.09 -0.17
N ILE B 202 32.83 0.67 -1.03
CA ILE B 202 31.38 0.77 -1.02
C ILE B 202 30.77 -0.33 -1.89
N TYR B 203 30.09 -1.28 -1.26
CA TYR B 203 29.43 -2.38 -1.97
C TYR B 203 28.01 -2.00 -2.38
N ALA B 204 27.56 -2.57 -3.50
CA ALA B 204 26.19 -2.41 -3.97
C ALA B 204 25.66 -3.78 -4.42
N ALA B 205 24.86 -4.41 -3.57
CA ALA B 205 24.40 -5.78 -3.80
C ALA B 205 22.94 -5.84 -4.23
N GLY B 206 22.67 -6.56 -5.30
CA GLY B 206 21.30 -6.80 -5.77
C GLY B 206 20.62 -5.56 -6.33
N GLY B 207 19.29 -5.55 -6.22
CA GLY B 207 18.48 -4.44 -6.71
C GLY B 207 17.72 -4.78 -7.97
N TYR B 208 17.11 -3.77 -8.58
CA TYR B 208 16.28 -3.92 -9.77
C TYR B 208 16.86 -3.04 -10.89
N ASP B 209 17.07 -3.63 -12.06
CA ASP B 209 17.66 -2.92 -13.20
C ASP B 209 16.63 -2.44 -14.22
N GLY B 210 15.35 -2.60 -13.92
CA GLY B 210 14.26 -2.26 -14.83
C GLY B 210 13.64 -3.48 -15.48
N GLN B 211 14.44 -4.54 -15.63
CA GLN B 211 13.97 -5.78 -16.25
C GLN B 211 13.80 -6.87 -15.20
N ASP B 212 14.89 -7.18 -14.48
CA ASP B 212 14.93 -8.28 -13.52
C ASP B 212 15.50 -7.84 -12.18
N GLN B 213 15.29 -8.66 -11.16
CA GLN B 213 15.96 -8.48 -9.87
C GLN B 213 17.35 -9.09 -9.97
N LEU B 214 18.32 -8.46 -9.32
CA LEU B 214 19.73 -8.79 -9.52
C LEU B 214 20.30 -9.64 -8.39
N ASN B 215 21.25 -10.50 -8.74
CA ASN B 215 22.10 -11.19 -7.76
C ASN B 215 23.57 -10.75 -7.86
N SER B 216 23.85 -9.82 -8.77
CA SER B 216 25.21 -9.33 -8.99
C SER B 216 25.60 -8.33 -7.90
N VAL B 217 26.89 -8.31 -7.57
CA VAL B 217 27.42 -7.42 -6.53
C VAL B 217 28.69 -6.74 -7.06
N GLU B 218 28.77 -5.42 -6.88
CA GLU B 218 29.95 -4.66 -7.30
C GLU B 218 30.35 -3.66 -6.21
N ARG B 219 31.66 -3.42 -6.09
CA ARG B 219 32.19 -2.52 -5.07
C ARG B 219 32.97 -1.35 -5.68
N TYR B 220 32.92 -0.21 -5.00
CA TYR B 220 33.56 1.02 -5.46
C TYR B 220 34.79 1.35 -4.62
N ASP B 221 35.97 1.26 -5.23
CA ASP B 221 37.21 1.70 -4.60
C ASP B 221 37.34 3.20 -4.81
N VAL B 222 37.33 3.95 -3.71
CA VAL B 222 37.29 5.42 -3.76
C VAL B 222 38.55 6.07 -4.35
N GLU B 223 39.69 5.40 -4.19
CA GLU B 223 40.96 5.95 -4.68
C GLU B 223 41.15 5.72 -6.19
N THR B 224 40.79 4.53 -6.68
CA THR B 224 40.86 4.23 -8.11
C THR B 224 39.65 4.80 -8.87
N GLU B 225 38.58 5.10 -8.13
CA GLU B 225 37.31 5.58 -8.71
C GLU B 225 36.79 4.60 -9.76
N THR B 226 36.72 3.33 -9.36
CA THR B 226 36.36 2.24 -10.29
C THR B 226 35.40 1.26 -9.61
N TRP B 227 34.33 0.92 -10.31
CA TRP B 227 33.39 -0.11 -9.87
C TRP B 227 33.84 -1.47 -10.41
N THR B 228 33.93 -2.47 -9.53
CA THR B 228 34.38 -3.81 -9.91
C THR B 228 33.43 -4.86 -9.37
N PHE B 229 33.06 -5.82 -10.22
CA PHE B 229 32.20 -6.93 -9.82
C PHE B 229 32.95 -7.91 -8.91
N VAL B 230 32.26 -8.40 -7.89
CA VAL B 230 32.77 -9.48 -7.04
C VAL B 230 31.82 -10.69 -7.19
N ALA B 231 31.99 -11.70 -6.34
CA ALA B 231 31.15 -12.89 -6.40
C ALA B 231 29.67 -12.54 -6.22
N PRO B 232 28.79 -13.05 -7.11
CA PRO B 232 27.37 -12.75 -7.02
C PRO B 232 26.68 -13.54 -5.91
N MET B 233 25.55 -13.04 -5.44
CA MET B 233 24.77 -13.74 -4.42
C MET B 233 24.11 -14.98 -5.02
N LYS B 234 23.72 -15.90 -4.15
CA LYS B 234 22.99 -17.10 -4.57
C LYS B 234 21.64 -16.71 -5.16
N HIS B 235 20.84 -16.00 -4.37
CA HIS B 235 19.47 -15.62 -4.78
C HIS B 235 19.39 -14.18 -5.28
N ARG B 236 18.59 -13.96 -6.31
CA ARG B 236 18.33 -12.63 -6.85
C ARG B 236 17.40 -11.90 -5.89
N ARG B 237 17.65 -10.62 -5.64
CA ARG B 237 16.87 -9.87 -4.66
C ARG B 237 16.96 -8.35 -4.82
N SER B 238 15.82 -7.69 -4.63
CA SER B 238 15.74 -6.23 -4.53
C SER B 238 15.01 -5.87 -3.24
N ALA B 239 15.13 -4.61 -2.83
CA ALA B 239 14.57 -4.14 -1.56
C ALA B 239 15.07 -4.98 -0.38
N LEU B 240 16.36 -5.29 -0.41
CA LEU B 240 16.98 -6.15 0.60
C LEU B 240 17.57 -5.31 1.73
N GLY B 241 17.54 -5.87 2.95
CA GLY B 241 18.24 -5.29 4.08
C GLY B 241 19.69 -5.71 4.03
N ILE B 242 20.59 -4.81 4.42
CA ILE B 242 22.03 -5.08 4.36
C ILE B 242 22.77 -4.47 5.54
N THR B 243 23.83 -5.14 5.97
CA THR B 243 24.74 -4.59 6.98
C THR B 243 26.05 -5.36 7.05
N VAL B 244 26.96 -4.89 7.91
CA VAL B 244 28.28 -5.50 8.08
C VAL B 244 28.55 -5.82 9.55
N HIS B 245 29.11 -7.00 9.80
CA HIS B 245 29.45 -7.44 11.16
C HIS B 245 30.75 -8.25 11.14
N GLN B 246 31.81 -7.70 11.75
CA GLN B 246 33.11 -8.35 11.87
C GLN B 246 33.67 -8.80 10.52
N GLY B 247 33.75 -7.85 9.58
CA GLY B 247 34.37 -8.08 8.29
C GLY B 247 33.59 -8.99 7.33
N ARG B 248 32.26 -9.01 7.48
CA ARG B 248 31.40 -9.83 6.63
C ARG B 248 30.07 -9.12 6.37
N ILE B 249 29.66 -9.06 5.10
CA ILE B 249 28.38 -8.44 4.73
C ILE B 249 27.25 -9.45 4.96
N TYR B 250 26.15 -8.99 5.54
CA TYR B 250 24.95 -9.80 5.72
C TYR B 250 23.78 -9.16 4.96
N VAL B 251 23.21 -9.90 4.01
CA VAL B 251 22.02 -9.44 3.28
C VAL B 251 20.79 -10.22 3.77
N LEU B 252 19.74 -9.48 4.11
CA LEU B 252 18.54 -10.07 4.73
C LEU B 252 17.31 -9.88 3.84
N GLY B 253 16.65 -10.99 3.52
CA GLY B 253 15.38 -10.98 2.79
C GLY B 253 15.44 -10.33 1.42
N GLY B 254 14.29 -9.86 0.96
CA GLY B 254 14.18 -9.17 -0.33
C GLY B 254 13.04 -9.69 -1.19
N TYR B 255 13.01 -9.23 -2.43
CA TYR B 255 11.98 -9.57 -3.39
C TYR B 255 12.65 -9.94 -4.72
N ASP B 256 12.26 -11.09 -5.29
CA ASP B 256 12.91 -11.61 -6.50
C ASP B 256 12.01 -11.58 -7.74
N GLY B 257 10.93 -10.82 -7.69
CA GLY B 257 9.98 -10.72 -8.81
C GLY B 257 8.80 -11.66 -8.70
N HIS B 258 8.83 -12.58 -7.73
CA HIS B 258 7.75 -13.56 -7.54
C HIS B 258 7.56 -13.88 -6.06
N THR B 259 8.62 -14.36 -5.41
CA THR B 259 8.57 -14.73 -4.00
C THR B 259 9.18 -13.64 -3.11
N PHE B 260 8.97 -13.77 -1.81
CA PHE B 260 9.59 -12.90 -0.81
C PHE B 260 10.56 -13.76 0.01
N LEU B 261 11.84 -13.38 -0.03
CA LEU B 261 12.90 -14.21 0.53
C LEU B 261 12.97 -14.13 2.05
N ASP B 262 13.20 -15.28 2.68
CA ASP B 262 13.55 -15.34 4.10
C ASP B 262 15.03 -15.66 4.27
N SER B 263 15.75 -15.78 3.16
CA SER B 263 17.16 -16.17 3.16
C SER B 263 18.07 -15.08 3.68
N VAL B 264 19.12 -15.48 4.40
CA VAL B 264 20.15 -14.56 4.89
C VAL B 264 21.52 -15.07 4.46
N GLU B 265 22.07 -14.44 3.41
CA GLU B 265 23.39 -14.82 2.90
C GLU B 265 24.48 -13.98 3.55
N CYS B 266 25.68 -14.55 3.62
CA CYS B 266 26.83 -13.90 4.26
C CYS B 266 28.04 -13.90 3.34
N TYR B 267 28.59 -12.72 3.07
CA TYR B 267 29.73 -12.57 2.17
C TYR B 267 31.05 -12.53 2.94
N ASP B 268 31.99 -13.37 2.54
CA ASP B 268 33.35 -13.36 3.08
C ASP B 268 34.30 -12.77 2.04
N PRO B 269 34.86 -11.58 2.33
CA PRO B 269 35.72 -10.90 1.34
C PRO B 269 37.08 -11.57 1.15
N ASP B 270 37.52 -12.35 2.13
CA ASP B 270 38.80 -13.07 2.04
C ASP B 270 38.77 -14.14 0.95
N THR B 271 37.73 -14.97 0.97
CA THR B 271 37.56 -16.04 -0.01
C THR B 271 36.70 -15.61 -1.21
N ASP B 272 36.02 -14.47 -1.10
CA ASP B 272 35.13 -13.97 -2.16
C ASP B 272 34.03 -14.99 -2.47
N THR B 273 33.26 -15.35 -1.44
CA THR B 273 32.19 -16.33 -1.57
C THR B 273 30.99 -15.99 -0.68
N TRP B 274 29.79 -16.22 -1.20
CA TRP B 274 28.56 -16.07 -0.42
C TRP B 274 28.13 -17.42 0.14
N SER B 275 27.57 -17.40 1.34
CA SER B 275 27.07 -18.62 1.98
C SER B 275 25.83 -18.31 2.82
N GLU B 276 24.83 -19.18 2.74
CA GLU B 276 23.59 -19.02 3.51
C GLU B 276 23.83 -19.41 4.97
N VAL B 277 23.66 -18.46 5.88
CA VAL B 277 23.96 -18.67 7.30
C VAL B 277 22.71 -19.00 8.12
N THR B 278 21.57 -18.43 7.75
CA THR B 278 20.31 -18.65 8.46
C THR B 278 19.12 -18.22 7.60
N ARG B 279 17.92 -18.43 8.13
CA ARG B 279 16.70 -17.94 7.50
C ARG B 279 15.89 -17.12 8.50
N MET B 280 15.20 -16.11 8.01
CA MET B 280 14.29 -15.31 8.85
C MET B 280 13.06 -16.14 9.16
N THR B 281 12.31 -15.74 10.19
CA THR B 281 11.11 -16.48 10.60
C THR B 281 10.04 -16.51 9.51
N SER B 282 10.05 -15.52 8.64
CA SER B 282 9.16 -15.49 7.47
C SER B 282 9.75 -14.58 6.39
N GLY B 283 9.39 -14.85 5.14
CA GLY B 283 9.89 -14.09 4.01
C GLY B 283 9.33 -12.68 3.96
N ARG B 284 10.17 -11.72 3.60
CA ARG B 284 9.77 -10.31 3.54
C ARG B 284 10.74 -9.46 2.72
N SER B 285 10.27 -8.28 2.30
CA SER B 285 11.08 -7.33 1.55
C SER B 285 10.90 -5.92 2.09
N GLY B 286 11.86 -5.05 1.80
CA GLY B 286 11.79 -3.65 2.23
C GLY B 286 12.01 -3.46 3.71
N VAL B 287 12.90 -4.25 4.29
CA VAL B 287 13.17 -4.19 5.74
C VAL B 287 14.18 -3.09 6.08
N GLY B 288 14.18 -2.69 7.34
CA GLY B 288 15.18 -1.77 7.89
C GLY B 288 16.16 -2.54 8.74
N VAL B 289 17.43 -2.56 8.32
CA VAL B 289 18.45 -3.38 8.98
C VAL B 289 19.60 -2.53 9.53
N ALA B 290 20.11 -2.93 10.69
CA ALA B 290 21.27 -2.28 11.31
C ALA B 290 21.91 -3.22 12.35
N VAL B 291 23.07 -2.82 12.88
CA VAL B 291 23.82 -3.61 13.84
CA VAL B 291 23.80 -3.62 13.85
C VAL B 291 24.22 -2.79 15.06
N THR B 292 24.41 -3.46 16.19
CA THR B 292 24.97 -2.84 17.39
C THR B 292 26.39 -2.41 17.05
N LEU B 293 26.73 -1.16 17.37
CA LEU B 293 28.01 -0.58 16.97
C LEU B 293 29.20 -1.30 17.60
N GLU B 294 30.36 -1.15 16.97
CA GLU B 294 31.57 -1.85 17.39
C GLU B 294 32.05 -1.28 18.72
N HIS B 295 32.57 -0.05 18.70
CA HIS B 295 33.00 0.66 19.91
C HIS B 295 33.41 2.10 19.58
C ACT C . -30.50 17.85 -11.76
O ACT C . -30.10 19.02 -11.97
OXT ACT C . -29.95 16.87 -12.31
CH3 ACT C . -31.66 17.63 -10.83
C ACT D . -29.27 -10.04 -13.56
O ACT D . -29.20 -10.85 -12.61
OXT ACT D . -28.34 -9.25 -13.83
CH3 ACT D . -30.51 -10.02 -14.41
C ACT E . -28.53 23.36 -7.27
O ACT E . -28.46 22.86 -6.13
OXT ACT E . -27.61 23.25 -8.10
CH3 ACT E . -29.75 24.15 -7.64
C ACT F . -7.46 4.95 1.64
O ACT F . -8.05 5.11 2.73
OXT ACT F . -6.24 5.23 1.51
CH3 ACT F . -8.22 4.44 0.46
C16 1VV G . 5.10 -6.76 -5.06
C17 1VV G . 5.22 -6.10 -6.27
C3 1VV G . 13.11 -0.11 -1.93
C4 1VV G . 12.99 -0.42 -3.26
C15 1VV G . 6.03 -6.56 -4.06
C18 1VV G . 6.27 -5.24 -6.54
C2 1VV G . 12.12 -0.50 -1.06
C21 1VV G . 11.89 -1.11 -3.72
C19 1VV G . 7.06 -5.71 -4.33
C13 1VV G . 7.19 -5.07 -5.53
C1 1VV G . 11.01 -1.19 -1.51
C5 1VV G . 10.89 -1.51 -2.85
C12 1VV G . 8.17 -5.32 -3.46
C14 1VV G . 8.38 -4.23 -5.50
C23 1VV G . 7.39 -2.15 -2.72
C31 1VV G . 6.43 0.39 -2.14
C9 1VV G . 9.98 -1.57 -0.51
C27 1VV G . 4.66 -3.48 -2.23
C28 1VV G . 3.83 -2.34 -2.77
C26 1VV G . 5.49 -2.97 -1.08
C30 1VV G . 4.72 -1.16 -3.09
C8 1VV G . 9.17 -2.71 -1.08
C6 1VV G . 9.76 -2.25 -3.47
C25 1VV G . 6.52 -1.90 -1.52
C29 1VV G . 5.53 -0.76 -1.90
C10 1VV G . 10.02 -3.70 -3.73
N11 1VV G . 8.89 -4.44 -4.24
N7 1VV G . 8.75 -2.33 -2.41
O22 1VV G . 8.33 -5.73 -2.32
O20 1VV G . 8.74 -3.53 -6.42
O24 1VV G . 6.97 -2.20 -3.87
O32 1VV G . 7.62 0.48 -1.85
O33 1VV G . 5.75 1.40 -2.73
NA NA H . -2.30 -2.69 9.09
C ACT I . 34.03 17.52 3.82
O ACT I . 33.00 17.22 4.44
OXT ACT I . 34.14 18.58 3.17
CH3 ACT I . 35.20 16.58 3.86
#